data_7X5W
#
_entry.id   7X5W
#
_cell.length_a   76.966
_cell.length_b   83.784
_cell.length_c   62.205
_cell.angle_alpha   90.00
_cell.angle_beta   100.29
_cell.angle_gamma   90.00
#
_symmetry.space_group_name_H-M   'C 1 2 1'
#
loop_
_entity.id
_entity.type
_entity.pdbx_description
1 polymer '4-hydroxyphenylpyruvate dioxygenase'
2 non-polymer 'COBALT (II) ION'
3 non-polymer 1,5-dimethyl-3-naphthalen-1-yl-6-(2-oxidanyl-6-oxidanylidene-cyclohexen-1-yl)carbonyl-quinazoline-2,4-dione
4 water water
#
_entity_poly.entity_id   1
_entity_poly.type   'polypeptide(L)'
_entity_poly.pdbx_seq_one_letter_code
;GSHMVRKNPKSDKFKVKRFHHIEFWCGDATNVARRFSWGLGMRFSAKSDLSTGNMVHASYLLTSGDLRFLFTAPYSPSLS
AGEIKPTTTASIPSFDHGSCRSFFSSHGLGVRAVAIEVEDAESAFSISVANGAIPSSPPIVLNEAVTIAEVKLYGDVVLR
YVSYKAEDTEKSEFLPGFERVEDASSFPLDYGIRRLDHAVGNVPELGPALTYVAGFTGFHQFAEFTADDVGTAESGLNSA
VLASNDEMVLLPINEPVHGTKRKSQIQTYLEHNEGAGLQHLALMSEDIFRTLREMRKRSSIGGFDFMPSPPPTYYQNLKK
RVGDVLSDDQIKECEELGILVDRDDQGTLLQIFTKPLGDRPTIFIEIIQRVGCMMKDEEGKAYQSGGCGGFGKGNFSELF
KSIEEYEKTLEAKQLVG
;
_entity_poly.pdbx_strand_id   A
#
loop_
_chem_comp.id
_chem_comp.type
_chem_comp.name
_chem_comp.formula
9US non-polymer 1,5-dimethyl-3-naphthalen-1-yl-6-(2-oxidanyl-6-oxidanylidene-cyclohexen-1-yl)carbonyl-quinazoline-2,4-dione 'C27 H22 N2 O5'
CO non-polymer 'COBALT (II) ION' 'Co 2'
#
# COMPACT_ATOMS: atom_id res chain seq x y z
N LYS A 7 -15.19 5.34 18.84
CA LYS A 7 -14.27 5.27 19.98
C LYS A 7 -12.83 5.16 19.51
N ASN A 8 -11.97 6.03 20.03
CA ASN A 8 -10.55 6.04 19.69
C ASN A 8 -9.76 6.22 20.99
N PRO A 9 -9.26 5.12 21.57
CA PRO A 9 -8.55 5.22 22.86
C PRO A 9 -7.18 5.88 22.76
N LYS A 10 -6.68 6.16 21.55
CA LYS A 10 -5.38 6.80 21.35
C LYS A 10 -4.28 6.06 22.13
N SER A 11 -4.16 4.77 21.84
CA SER A 11 -3.30 3.88 22.61
C SER A 11 -1.95 3.58 21.96
N ASP A 12 -1.55 4.35 20.94
CA ASP A 12 -0.25 4.13 20.30
C ASP A 12 0.86 4.08 21.33
N LYS A 13 1.71 3.06 21.25
CA LYS A 13 2.78 2.92 22.21
C LYS A 13 4.00 3.76 21.87
N PHE A 14 4.02 4.37 20.69
CA PHE A 14 5.06 5.32 20.30
C PHE A 14 4.47 6.28 19.30
N LYS A 15 5.15 7.42 19.11
CA LYS A 15 4.61 8.48 18.28
C LYS A 15 4.76 8.12 16.80
N VAL A 16 3.63 8.01 16.11
CA VAL A 16 3.58 7.65 14.69
C VAL A 16 3.14 8.88 13.92
N LYS A 17 3.76 9.10 12.76
CA LYS A 17 3.37 10.25 11.96
C LYS A 17 2.50 9.82 10.78
N ARG A 18 3.10 9.56 9.63
CA ARG A 18 2.33 9.16 8.46
C ARG A 18 3.02 8.00 7.77
N PHE A 19 2.29 7.34 6.88
CA PHE A 19 2.94 6.43 5.94
C PHE A 19 4.09 7.16 5.25
N HIS A 20 5.22 6.48 5.14
CA HIS A 20 6.41 7.07 4.54
C HIS A 20 6.71 6.53 3.15
N HIS A 21 6.77 5.21 2.99
CA HIS A 21 6.97 4.63 1.67
C HIS A 21 6.53 3.17 1.70
N ILE A 22 6.41 2.61 0.49
CA ILE A 22 6.14 1.20 0.29
C ILE A 22 7.29 0.67 -0.55
N GLU A 23 7.92 -0.43 -0.11
CA GLU A 23 9.01 -1.03 -0.86
C GLU A 23 8.58 -2.37 -1.48
N PHE A 24 8.70 -2.46 -2.79
CA PHE A 24 8.49 -3.69 -3.54
C PHE A 24 9.82 -4.40 -3.69
N TRP A 25 9.82 -5.72 -3.47
CA TRP A 25 10.98 -6.52 -3.81
C TRP A 25 10.74 -7.18 -5.16
N CYS A 26 11.71 -7.01 -6.05
CA CYS A 26 11.57 -7.25 -7.48
C CYS A 26 12.67 -8.20 -7.93
N GLY A 27 12.45 -8.80 -9.10
CA GLY A 27 13.57 -9.44 -9.76
C GLY A 27 14.41 -8.45 -10.55
N ASP A 28 13.75 -7.55 -11.26
CA ASP A 28 14.40 -6.46 -11.98
C ASP A 28 13.68 -5.17 -11.60
N ALA A 29 14.36 -4.32 -10.83
CA ALA A 29 13.69 -3.12 -10.33
C ALA A 29 13.43 -2.12 -11.45
N THR A 30 14.33 -2.06 -12.43
CA THR A 30 14.19 -1.10 -13.53
C THR A 30 12.88 -1.29 -14.28
N ASN A 31 12.58 -2.52 -14.68
CA ASN A 31 11.39 -2.72 -15.51
C ASN A 31 10.12 -2.53 -14.71
N VAL A 32 10.09 -2.99 -13.45
CA VAL A 32 8.90 -2.77 -12.66
C VAL A 32 8.69 -1.28 -12.40
N ALA A 33 9.78 -0.58 -12.03
CA ALA A 33 9.64 0.84 -11.75
C ALA A 33 9.19 1.63 -12.98
N ARG A 34 9.72 1.30 -14.16
CA ARG A 34 9.31 2.04 -15.36
C ARG A 34 7.85 1.75 -15.71
N ARG A 35 7.41 0.50 -15.54
CA ARG A 35 6.01 0.16 -15.79
C ARG A 35 5.11 0.93 -14.83
N PHE A 36 5.43 0.89 -13.52
CA PHE A 36 4.61 1.58 -12.53
C PHE A 36 4.60 3.09 -12.76
N SER A 37 5.74 3.66 -13.16
CA SER A 37 5.80 5.11 -13.38
C SER A 37 4.80 5.54 -14.45
N TRP A 38 4.80 4.84 -15.56
CA TRP A 38 3.89 5.16 -16.66
C TRP A 38 2.45 4.84 -16.30
N GLY A 39 2.21 3.71 -15.62
CA GLY A 39 0.85 3.30 -15.34
C GLY A 39 0.15 4.14 -14.29
N LEU A 40 0.89 4.67 -13.32
CA LEU A 40 0.32 5.40 -12.20
C LEU A 40 0.62 6.90 -12.23
N GLY A 41 1.47 7.35 -13.14
CA GLY A 41 1.80 8.76 -13.19
C GLY A 41 2.69 9.18 -12.05
N MET A 42 3.74 8.42 -11.79
CA MET A 42 4.67 8.73 -10.71
C MET A 42 6.01 9.08 -11.33
N ARG A 43 6.68 10.07 -10.74
CA ARG A 43 7.95 10.56 -11.24
C ARG A 43 9.10 9.79 -10.63
N PHE A 44 10.12 9.53 -11.43
CA PHE A 44 11.39 9.01 -10.91
C PHE A 44 12.08 10.09 -10.08
N SER A 45 12.24 9.84 -8.78
CA SER A 45 12.69 10.86 -7.84
C SER A 45 14.07 10.62 -7.25
N ALA A 46 14.45 9.37 -7.00
CA ALA A 46 15.75 9.11 -6.40
C ALA A 46 16.21 7.72 -6.79
N LYS A 47 17.51 7.47 -6.65
CA LYS A 47 18.06 6.17 -7.00
C LYS A 47 19.22 5.83 -6.08
N SER A 48 19.43 4.53 -5.92
CA SER A 48 20.61 3.99 -5.23
C SER A 48 20.96 2.74 -6.00
N ASP A 49 22.09 2.73 -6.69
CA ASP A 49 22.41 1.63 -7.59
C ASP A 49 23.89 1.72 -7.93
N LEU A 50 24.31 0.98 -8.95
CA LEU A 50 25.74 0.96 -9.29
C LEU A 50 26.28 2.36 -9.53
N SER A 51 25.47 3.22 -10.16
CA SER A 51 25.92 4.57 -10.48
C SER A 51 26.10 5.44 -9.24
N THR A 52 25.52 5.05 -8.11
CA THR A 52 25.71 5.78 -6.86
C THR A 52 26.66 5.03 -5.91
N GLY A 53 27.34 4.01 -6.39
CA GLY A 53 28.29 3.26 -5.59
C GLY A 53 27.71 2.07 -4.84
N ASN A 54 26.43 1.77 -5.03
CA ASN A 54 25.78 0.65 -4.35
C ASN A 54 26.04 -0.61 -5.16
N MET A 55 26.87 -1.52 -4.63
CA MET A 55 27.22 -2.76 -5.30
C MET A 55 26.34 -3.92 -4.88
N VAL A 56 25.33 -3.65 -4.04
CA VAL A 56 24.52 -4.67 -3.40
C VAL A 56 23.14 -4.78 -4.02
N HIS A 57 22.43 -3.66 -4.11
CA HIS A 57 21.06 -3.66 -4.62
C HIS A 57 20.81 -2.45 -5.48
N ALA A 58 19.87 -2.60 -6.41
CA ALA A 58 19.36 -1.53 -7.25
C ALA A 58 18.03 -1.09 -6.65
N SER A 59 17.91 0.19 -6.32
CA SER A 59 16.68 0.72 -5.70
C SER A 59 16.28 2.01 -6.39
N TYR A 60 15.03 2.07 -6.84
CA TYR A 60 14.53 3.23 -7.57
C TYR A 60 13.27 3.73 -6.90
N LEU A 61 13.21 5.04 -6.63
CA LEU A 61 12.10 5.64 -5.93
C LEU A 61 11.22 6.42 -6.90
N LEU A 62 9.92 6.13 -6.87
CA LEU A 62 8.91 6.89 -7.59
C LEU A 62 8.08 7.69 -6.62
N THR A 63 7.68 8.90 -7.00
CA THR A 63 6.86 9.71 -6.12
C THR A 63 5.67 10.30 -6.88
N SER A 64 4.55 10.45 -6.17
CA SER A 64 3.45 11.25 -6.68
C SER A 64 2.83 11.93 -5.47
N GLY A 65 2.96 13.25 -5.39
CA GLY A 65 2.59 13.91 -4.15
C GLY A 65 3.42 13.37 -2.99
N ASP A 66 2.74 12.90 -1.95
CA ASP A 66 3.40 12.32 -0.79
C ASP A 66 3.55 10.81 -0.91
N LEU A 67 3.05 10.21 -1.98
CA LEU A 67 3.18 8.76 -2.16
C LEU A 67 4.58 8.41 -2.62
N ARG A 68 5.21 7.45 -1.95
CA ARG A 68 6.57 7.02 -2.29
C ARG A 68 6.54 5.52 -2.52
N PHE A 69 6.87 5.10 -3.74
CA PHE A 69 7.02 3.68 -4.06
C PHE A 69 8.49 3.41 -4.35
N LEU A 70 9.07 2.45 -3.63
CA LEU A 70 10.47 2.06 -3.82
C LEU A 70 10.52 0.67 -4.44
N PHE A 71 11.36 0.50 -5.46
CA PHE A 71 11.52 -0.78 -6.15
C PHE A 71 12.95 -1.23 -6.01
N THR A 72 13.16 -2.42 -5.42
CA THR A 72 14.51 -2.89 -5.11
C THR A 72 14.70 -4.32 -5.63
N ALA A 73 15.88 -4.57 -6.19
CA ALA A 73 16.29 -5.88 -6.67
C ALA A 73 17.75 -6.12 -6.33
N PRO A 74 18.15 -7.36 -6.12
CA PRO A 74 19.55 -7.64 -5.81
C PRO A 74 20.41 -7.74 -7.07
N TYR A 75 21.66 -7.29 -6.94
CA TYR A 75 22.68 -7.57 -7.94
C TYR A 75 23.27 -8.94 -7.68
N SER A 76 24.18 -9.38 -8.56
CA SER A 76 24.97 -10.57 -8.26
C SER A 76 25.70 -10.39 -6.93
N PRO A 77 25.61 -11.35 -6.00
CA PRO A 77 26.39 -11.23 -4.75
C PRO A 77 27.87 -11.08 -5.00
N SER A 78 28.37 -11.53 -6.15
CA SER A 78 29.80 -11.45 -6.45
C SER A 78 30.30 -10.02 -6.45
N LEU A 79 29.45 -9.04 -6.76
CA LEU A 79 29.92 -7.65 -6.81
C LEU A 79 30.30 -7.14 -5.44
N SER A 80 29.74 -7.71 -4.38
CA SER A 80 29.93 -7.23 -3.02
C SER A 80 30.49 -8.32 -2.12
N ALA A 81 31.03 -9.39 -2.70
CA ALA A 81 31.44 -10.55 -1.92
C ALA A 81 32.52 -10.23 -0.89
N GLY A 82 33.31 -9.18 -1.13
CA GLY A 82 34.32 -8.78 -0.17
C GLY A 82 33.82 -7.86 0.92
N GLU A 83 32.58 -7.40 0.82
CA GLU A 83 32.04 -6.53 1.84
C GLU A 83 31.58 -7.32 3.07
N ILE A 84 31.59 -6.63 4.21
CA ILE A 84 30.91 -7.08 5.41
C ILE A 84 29.96 -5.95 5.81
N LYS A 85 29.08 -6.23 6.77
CA LYS A 85 28.12 -5.19 7.15
C LYS A 85 28.80 -3.88 7.54
N PRO A 86 29.90 -3.87 8.30
CA PRO A 86 30.58 -2.60 8.57
C PRO A 86 31.09 -1.87 7.33
N THR A 87 31.38 -2.57 6.23
CA THR A 87 31.89 -1.95 5.02
C THR A 87 30.88 -1.96 3.87
N THR A 88 29.60 -2.16 4.16
CA THR A 88 28.63 -2.35 3.09
C THR A 88 28.44 -1.09 2.25
N THR A 89 28.19 -1.30 0.96
CA THR A 89 27.78 -0.22 0.07
C THR A 89 26.27 -0.17 -0.15
N ALA A 90 25.51 -1.07 0.49
CA ALA A 90 24.05 -0.97 0.44
C ALA A 90 23.59 0.30 1.12
N SER A 91 22.59 0.95 0.53
CA SER A 91 21.98 2.11 1.16
C SER A 91 20.85 1.74 2.11
N ILE A 92 20.32 0.53 1.97
CA ILE A 92 19.30 0.04 2.90
C ILE A 92 19.92 -1.11 3.68
N PRO A 93 20.39 -0.88 4.91
CA PRO A 93 21.21 -1.90 5.58
C PRO A 93 20.45 -3.16 5.94
N SER A 94 19.12 -3.12 5.99
CA SER A 94 18.35 -4.34 6.20
C SER A 94 18.34 -5.27 4.99
N PHE A 95 18.77 -4.80 3.82
CA PHE A 95 18.68 -5.63 2.63
C PHE A 95 19.60 -6.85 2.75
N ASP A 96 19.13 -7.98 2.23
CA ASP A 96 19.90 -9.21 2.21
C ASP A 96 19.60 -9.93 0.90
N HIS A 97 20.64 -10.26 0.14
CA HIS A 97 20.48 -10.96 -1.14
C HIS A 97 19.60 -12.20 -0.98
N GLY A 98 19.96 -13.06 -0.03
CA GLY A 98 19.23 -14.31 0.14
C GLY A 98 17.78 -14.08 0.51
N SER A 99 17.52 -13.15 1.44
CA SER A 99 16.15 -12.85 1.82
C SER A 99 15.35 -12.36 0.63
N CYS A 100 15.95 -11.50 -0.18
CA CYS A 100 15.23 -10.91 -1.30
C CYS A 100 14.93 -11.95 -2.36
N ARG A 101 15.93 -12.76 -2.73
CA ARG A 101 15.67 -13.81 -3.69
C ARG A 101 14.66 -14.82 -3.17
N SER A 102 14.73 -15.16 -1.88
CA SER A 102 13.79 -16.09 -1.29
C SER A 102 12.38 -15.54 -1.29
N PHE A 103 12.24 -14.28 -0.88
CA PHE A 103 10.95 -13.60 -0.92
C PHE A 103 10.37 -13.64 -2.33
N PHE A 104 11.15 -13.25 -3.32
CA PHE A 104 10.60 -13.14 -4.66
C PHE A 104 10.28 -14.51 -5.24
N SER A 105 11.14 -15.51 -4.99
CA SER A 105 10.83 -16.84 -5.48
C SER A 105 9.57 -17.41 -4.82
N SER A 106 9.34 -17.10 -3.54
CA SER A 106 8.18 -17.63 -2.83
C SER A 106 6.90 -16.90 -3.24
N HIS A 107 6.94 -15.57 -3.25
CA HIS A 107 5.72 -14.76 -3.34
C HIS A 107 5.52 -14.10 -4.68
N GLY A 108 6.54 -14.04 -5.53
CA GLY A 108 6.50 -13.22 -6.72
C GLY A 108 6.60 -11.74 -6.34
N LEU A 109 6.38 -10.88 -7.33
CA LEU A 109 6.45 -9.43 -7.12
C LEU A 109 5.45 -8.97 -6.07
N GLY A 110 5.93 -8.22 -5.09
CA GLY A 110 5.04 -7.80 -4.02
C GLY A 110 5.75 -6.90 -3.04
N VAL A 111 4.99 -6.49 -2.02
CA VAL A 111 5.47 -5.53 -1.03
C VAL A 111 6.24 -6.27 0.05
N ARG A 112 7.50 -5.87 0.23
CA ARG A 112 8.32 -6.31 1.35
C ARG A 112 8.14 -5.43 2.57
N ALA A 113 8.07 -4.12 2.41
CA ALA A 113 8.05 -3.21 3.54
C ALA A 113 6.93 -2.18 3.44
N VAL A 114 6.17 -2.08 4.52
CA VAL A 114 5.25 -0.96 4.74
C VAL A 114 5.96 -0.03 5.72
N ALA A 115 6.38 1.15 5.26
CA ALA A 115 7.21 2.03 6.08
C ALA A 115 6.36 3.18 6.58
N ILE A 116 6.44 3.41 7.89
CA ILE A 116 5.79 4.55 8.53
C ILE A 116 6.87 5.42 9.15
N GLU A 117 6.66 6.74 9.09
CA GLU A 117 7.57 7.67 9.75
C GLU A 117 7.15 7.80 11.21
N VAL A 118 8.13 7.74 12.11
CA VAL A 118 7.89 7.83 13.54
C VAL A 118 8.82 8.90 14.10
N GLU A 119 8.59 9.23 15.37
CA GLU A 119 9.42 10.24 16.01
C GLU A 119 10.82 9.71 16.26
N ASP A 120 10.94 8.45 16.62
CA ASP A 120 12.22 7.86 17.03
C ASP A 120 12.15 6.38 16.68
N ALA A 121 12.83 5.99 15.60
CA ALA A 121 12.76 4.62 15.12
C ALA A 121 13.40 3.64 16.09
N GLU A 122 14.44 4.06 16.80
CA GLU A 122 15.03 3.15 17.78
C GLU A 122 14.07 2.88 18.93
N SER A 123 13.42 3.93 19.43
CA SER A 123 12.42 3.75 20.48
C SER A 123 11.25 2.92 19.97
N ALA A 124 10.73 3.24 18.78
CA ALA A 124 9.63 2.45 18.22
C ALA A 124 10.00 0.98 18.14
N PHE A 125 11.22 0.67 17.70
CA PHE A 125 11.67 -0.70 17.61
C PHE A 125 11.69 -1.35 18.99
N SER A 126 12.33 -0.68 19.96
CA SER A 126 12.48 -1.25 21.29
C SER A 126 11.13 -1.50 21.95
N ILE A 127 10.25 -0.51 21.89
CA ILE A 127 8.92 -0.66 22.47
C ILE A 127 8.14 -1.75 21.75
N SER A 128 8.26 -1.79 20.42
CA SER A 128 7.54 -2.83 19.68
C SER A 128 7.98 -4.21 20.12
N VAL A 129 9.29 -4.46 20.17
CA VAL A 129 9.79 -5.78 20.51
C VAL A 129 9.47 -6.10 21.97
N ALA A 130 9.58 -5.10 22.86
CA ALA A 130 9.19 -5.33 24.26
C ALA A 130 7.72 -5.70 24.37
N ASN A 131 6.90 -5.36 23.38
CA ASN A 131 5.49 -5.67 23.38
C ASN A 131 5.12 -6.75 22.36
N GLY A 132 6.07 -7.60 21.99
CA GLY A 132 5.76 -8.81 21.25
C GLY A 132 6.16 -8.80 19.79
N ALA A 133 6.60 -7.67 19.25
CA ALA A 133 7.00 -7.66 17.83
C ALA A 133 8.19 -8.58 17.61
N ILE A 134 8.16 -9.32 16.51
CA ILE A 134 9.29 -10.15 16.09
C ILE A 134 10.27 -9.24 15.38
N PRO A 135 11.48 -9.07 15.90
CA PRO A 135 12.47 -8.22 15.22
C PRO A 135 12.82 -8.77 13.85
N SER A 136 12.99 -7.86 12.90
CA SER A 136 13.48 -8.23 11.58
C SER A 136 14.81 -7.58 11.24
N SER A 137 14.98 -6.30 11.57
CA SER A 137 16.24 -5.62 11.35
C SER A 137 16.40 -4.56 12.42
N PRO A 138 17.51 -4.56 13.16
CA PRO A 138 17.64 -3.67 14.30
C PRO A 138 17.83 -2.24 13.86
N PRO A 139 17.62 -1.27 14.75
CA PRO A 139 17.78 0.14 14.36
C PRO A 139 19.21 0.39 13.91
N ILE A 140 19.34 1.09 12.78
CA ILE A 140 20.64 1.48 12.26
C ILE A 140 20.54 2.96 11.91
N VAL A 141 21.52 3.73 12.34
CA VAL A 141 21.56 5.17 12.06
C VAL A 141 22.37 5.38 10.78
N LEU A 142 21.76 6.04 9.80
CA LEU A 142 22.38 6.28 8.51
C LEU A 142 22.90 7.70 8.43
N ASN A 143 24.21 7.86 8.29
CA ASN A 143 24.85 9.16 8.13
C ASN A 143 24.45 10.13 9.24
N GLU A 144 24.27 9.60 10.45
CA GLU A 144 23.89 10.41 11.62
C GLU A 144 22.62 11.23 11.35
N ALA A 145 21.77 10.76 10.46
CA ALA A 145 20.66 11.60 10.02
C ALA A 145 19.32 10.89 10.02
N VAL A 146 19.28 9.60 9.69
CA VAL A 146 18.04 8.86 9.58
C VAL A 146 18.22 7.53 10.29
N THR A 147 17.21 7.12 11.05
CA THR A 147 17.22 5.82 11.69
C THR A 147 16.14 4.94 11.08
N ILE A 148 16.50 3.70 10.77
CA ILE A 148 15.58 2.75 10.17
C ILE A 148 15.64 1.45 10.98
N ALA A 149 14.47 0.86 11.21
CA ALA A 149 14.33 -0.41 11.92
C ALA A 149 13.13 -1.14 11.36
N GLU A 150 13.12 -2.47 11.50
CA GLU A 150 12.06 -3.29 10.91
C GLU A 150 11.63 -4.40 11.87
N VAL A 151 10.31 -4.62 11.96
CA VAL A 151 9.74 -5.75 12.68
C VAL A 151 8.79 -6.48 11.74
N LYS A 152 8.53 -7.75 12.04
CA LYS A 152 7.63 -8.51 11.17
C LYS A 152 6.21 -8.01 11.32
N LEU A 153 5.51 -7.87 10.19
CA LEU A 153 4.11 -7.45 10.19
C LEU A 153 3.18 -8.65 9.99
N TYR A 154 3.28 -9.31 8.85
CA TYR A 154 2.59 -10.56 8.57
C TYR A 154 3.31 -11.20 7.38
N GLY A 155 3.26 -12.52 7.32
CA GLY A 155 4.00 -13.23 6.29
C GLY A 155 5.46 -12.80 6.28
N ASP A 156 5.96 -12.43 5.10
CA ASP A 156 7.30 -11.90 4.94
C ASP A 156 7.29 -10.39 4.70
N VAL A 157 6.20 -9.73 5.09
CA VAL A 157 6.10 -8.28 5.05
C VAL A 157 6.58 -7.72 6.38
N VAL A 158 7.39 -6.67 6.33
CA VAL A 158 7.86 -6.00 7.53
C VAL A 158 7.21 -4.64 7.65
N LEU A 159 7.03 -4.21 8.91
CA LEU A 159 6.69 -2.84 9.22
C LEU A 159 8.02 -2.12 9.48
N ARG A 160 8.30 -1.12 8.66
CA ARG A 160 9.57 -0.41 8.72
C ARG A 160 9.36 0.93 9.40
N TYR A 161 10.17 1.21 10.42
CA TYR A 161 10.12 2.50 11.11
C TYR A 161 11.24 3.38 10.55
N VAL A 162 10.91 4.61 10.21
CA VAL A 162 11.89 5.59 9.75
C VAL A 162 11.72 6.84 10.58
N SER A 163 12.82 7.40 11.07
CA SER A 163 12.78 8.65 11.79
C SER A 163 13.93 9.54 11.33
N TYR A 164 13.68 10.84 11.31
CA TYR A 164 14.64 11.80 10.78
C TYR A 164 15.03 12.78 11.87
N LYS A 165 16.32 13.06 11.97
CA LYS A 165 16.76 14.12 12.87
C LYS A 165 16.29 15.47 12.37
N ALA A 166 16.38 15.69 11.06
CA ALA A 166 16.03 16.98 10.48
C ALA A 166 14.53 17.22 10.49
N GLU A 167 14.15 18.47 10.21
CA GLU A 167 12.76 18.94 10.19
C GLU A 167 12.07 18.69 11.53
N GLU A 173 17.50 13.16 -0.07
CA GLU A 173 16.55 13.48 1.00
C GLU A 173 15.76 12.27 1.46
N PHE A 174 15.53 11.31 0.57
CA PHE A 174 14.81 10.08 0.91
C PHE A 174 15.56 9.34 2.00
N LEU A 175 16.70 8.78 1.63
CA LEU A 175 17.61 8.16 2.58
C LEU A 175 19.03 8.53 2.19
N PRO A 176 19.95 8.56 3.14
CA PRO A 176 21.36 8.79 2.78
C PRO A 176 21.83 7.73 1.79
N GLY A 177 22.67 8.16 0.85
CA GLY A 177 23.12 7.27 -0.18
C GLY A 177 22.23 7.21 -1.40
N PHE A 178 21.01 7.72 -1.31
CA PHE A 178 20.18 7.90 -2.50
C PHE A 178 20.52 9.24 -3.13
N GLU A 179 20.55 9.26 -4.45
CA GLU A 179 20.78 10.49 -5.20
C GLU A 179 19.49 10.89 -5.89
N ARG A 180 19.19 12.18 -5.86
CA ARG A 180 18.11 12.74 -6.67
C ARG A 180 18.32 12.43 -8.14
N VAL A 181 17.23 12.13 -8.86
CA VAL A 181 17.33 11.70 -10.25
C VAL A 181 17.43 12.94 -11.14
N GLU A 182 18.37 12.90 -12.09
CA GLU A 182 18.53 13.96 -13.08
C GLU A 182 17.18 14.31 -13.75
N ASP A 183 16.95 15.61 -13.93
CA ASP A 183 15.67 16.08 -14.47
C ASP A 183 15.37 15.46 -15.82
N ALA A 184 16.40 15.25 -16.65
CA ALA A 184 16.15 14.69 -17.97
C ALA A 184 15.54 13.29 -17.86
N SER A 185 16.02 12.49 -16.92
CA SER A 185 15.45 11.19 -16.64
C SER A 185 14.21 11.25 -15.76
N SER A 186 13.80 12.45 -15.34
CA SER A 186 12.70 12.63 -14.38
C SER A 186 11.57 13.42 -15.05
N PHE A 187 10.79 12.73 -15.88
CA PHE A 187 9.63 13.34 -16.53
C PHE A 187 8.54 13.60 -15.49
N PRO A 188 7.91 14.78 -15.49
CA PRO A 188 7.00 15.14 -14.40
C PRO A 188 5.58 14.61 -14.62
N LEU A 189 5.45 13.29 -14.70
CA LEU A 189 4.13 12.67 -14.78
C LEU A 189 3.34 12.95 -13.50
N ASP A 190 2.03 13.08 -13.65
CA ASP A 190 1.17 13.27 -12.50
C ASP A 190 -0.27 13.03 -12.95
N TYR A 191 -0.88 11.95 -12.46
CA TYR A 191 -2.30 11.71 -12.74
C TYR A 191 -3.20 12.03 -11.55
N GLY A 192 -2.67 12.69 -10.53
CA GLY A 192 -3.47 13.12 -9.39
C GLY A 192 -3.30 12.31 -8.12
N ILE A 193 -2.52 11.25 -8.13
CA ILE A 193 -2.36 10.47 -6.90
C ILE A 193 -1.52 11.26 -5.91
N ARG A 194 -1.91 11.23 -4.63
CA ARG A 194 -1.28 12.12 -3.66
C ARG A 194 -0.74 11.44 -2.41
N ARG A 195 -1.32 10.32 -1.96
CA ARG A 195 -0.77 9.70 -0.75
C ARG A 195 -1.31 8.28 -0.61
N LEU A 196 -0.67 7.50 0.26
CA LEU A 196 -1.16 6.17 0.62
C LEU A 196 -2.24 6.31 1.68
N ASP A 197 -3.44 5.81 1.38
CA ASP A 197 -4.52 5.88 2.34
C ASP A 197 -4.51 4.69 3.29
N HIS A 198 -4.32 3.48 2.76
CA HIS A 198 -4.27 2.31 3.62
C HIS A 198 -3.56 1.18 2.89
N ALA A 199 -3.08 0.21 3.68
CA ALA A 199 -2.32 -0.92 3.17
C ALA A 199 -2.86 -2.15 3.87
N VAL A 200 -3.25 -3.16 3.08
CA VAL A 200 -4.10 -4.24 3.55
C VAL A 200 -3.37 -5.56 3.43
N GLY A 201 -3.41 -6.37 4.49
CA GLY A 201 -2.79 -7.69 4.48
C GLY A 201 -3.84 -8.79 4.42
N ASN A 202 -3.48 -9.90 3.79
CA ASN A 202 -4.26 -11.13 3.82
C ASN A 202 -3.54 -12.14 4.70
N VAL A 203 -4.28 -12.78 5.61
CA VAL A 203 -3.72 -13.77 6.52
C VAL A 203 -4.67 -14.96 6.59
N PRO A 204 -4.17 -16.12 7.03
CA PRO A 204 -5.08 -17.26 7.22
C PRO A 204 -6.02 -17.07 8.41
N GLU A 205 -5.59 -16.39 9.46
CA GLU A 205 -6.38 -16.24 10.68
C GLU A 205 -6.32 -14.80 11.18
N LEU A 206 -7.47 -14.13 11.15
CA LEU A 206 -7.53 -12.70 11.47
C LEU A 206 -7.22 -12.43 12.94
N GLY A 207 -7.79 -13.23 13.84
CA GLY A 207 -7.64 -13.01 15.26
C GLY A 207 -6.21 -12.89 15.72
N PRO A 208 -5.41 -13.94 15.48
CA PRO A 208 -4.00 -13.90 15.92
C PRO A 208 -3.21 -12.79 15.24
N ALA A 209 -3.55 -12.43 14.00
CA ALA A 209 -2.82 -11.36 13.33
C ALA A 209 -3.13 -10.01 13.97
N LEU A 210 -4.41 -9.74 14.26
CA LEU A 210 -4.78 -8.49 14.91
C LEU A 210 -4.14 -8.38 16.29
N THR A 211 -4.24 -9.45 17.08
CA THR A 211 -3.68 -9.44 18.42
C THR A 211 -2.20 -9.13 18.39
N TYR A 212 -1.48 -9.72 17.44
CA TYR A 212 -0.04 -9.49 17.34
C TYR A 212 0.27 -8.03 17.01
N VAL A 213 -0.35 -7.51 15.94
CA VAL A 213 0.00 -6.15 15.51
C VAL A 213 -0.50 -5.11 16.50
N ALA A 214 -1.76 -5.21 16.90
CA ALA A 214 -2.26 -4.26 17.90
C ALA A 214 -1.47 -4.38 19.18
N GLY A 215 -1.00 -5.59 19.49
CA GLY A 215 -0.22 -5.80 20.71
C GLY A 215 1.05 -4.98 20.74
N PHE A 216 1.82 -4.96 19.62
CA PHE A 216 3.09 -4.25 19.69
C PHE A 216 3.02 -2.80 19.25
N THR A 217 1.95 -2.38 18.56
CA THR A 217 1.82 -0.99 18.18
C THR A 217 0.95 -0.17 19.12
N GLY A 218 -0.03 -0.81 19.76
CA GLY A 218 -1.07 -0.02 20.39
C GLY A 218 -2.07 0.56 19.42
N PHE A 219 -1.98 0.23 18.14
CA PHE A 219 -3.01 0.66 17.21
C PHE A 219 -4.36 0.11 17.65
N HIS A 220 -5.41 0.90 17.46
CA HIS A 220 -6.76 0.55 17.89
C HIS A 220 -7.60 0.11 16.70
N GLN A 221 -8.71 -0.55 17.01
CA GLN A 221 -9.62 -1.01 15.98
C GLN A 221 -10.45 0.17 15.48
N PHE A 222 -10.38 0.41 14.17
CA PHE A 222 -11.13 1.49 13.55
C PHE A 222 -12.59 1.07 13.38
N ALA A 223 -13.50 1.93 13.83
CA ALA A 223 -14.92 1.63 13.82
C ALA A 223 -15.42 1.47 12.39
N GLU A 224 -15.99 0.30 12.08
CA GLU A 224 -16.61 0.07 10.79
C GLU A 224 -18.09 0.42 10.84
N PHE A 225 -18.60 0.91 9.72
CA PHE A 225 -20.02 1.30 9.57
C PHE A 225 -20.42 2.39 10.56
N SER A 235 -17.83 -10.25 1.42
CA SER A 235 -18.13 -11.60 0.97
C SER A 235 -16.84 -12.40 0.78
N GLY A 236 -16.80 -13.58 1.39
CA GLY A 236 -15.62 -14.41 1.36
C GLY A 236 -14.53 -14.00 2.32
N LEU A 237 -14.78 -13.03 3.19
CA LEU A 237 -13.74 -12.57 4.10
C LEU A 237 -14.36 -12.07 5.39
N ASN A 238 -13.52 -12.07 6.43
CA ASN A 238 -13.70 -11.23 7.60
C ASN A 238 -12.53 -10.26 7.64
N SER A 239 -12.77 -9.04 8.10
CA SER A 239 -11.72 -8.05 8.14
C SER A 239 -11.85 -7.20 9.39
N ALA A 240 -10.75 -6.51 9.71
CA ALA A 240 -10.74 -5.49 10.75
C ALA A 240 -9.64 -4.51 10.40
N VAL A 241 -9.74 -3.29 10.92
CA VAL A 241 -8.81 -2.22 10.56
C VAL A 241 -8.11 -1.72 11.82
N LEU A 242 -6.79 -1.74 11.82
CA LEU A 242 -5.99 -1.14 12.88
C LEU A 242 -5.55 0.26 12.48
N ALA A 243 -5.58 1.19 13.43
CA ALA A 243 -5.35 2.60 13.14
C ALA A 243 -4.48 3.24 14.21
N SER A 244 -3.64 4.18 13.79
CA SER A 244 -2.84 5.00 14.71
C SER A 244 -3.74 6.03 15.40
N ASN A 245 -3.12 6.85 16.27
CA ASN A 245 -3.87 7.75 17.14
C ASN A 245 -4.75 8.71 16.35
N ASP A 246 -4.21 9.34 15.32
CA ASP A 246 -5.00 10.23 14.49
C ASP A 246 -5.64 9.52 13.30
N GLU A 247 -5.56 8.18 13.28
CA GLU A 247 -6.22 7.33 12.29
C GLU A 247 -5.77 7.67 10.87
N MET A 248 -4.53 8.14 10.74
CA MET A 248 -3.92 8.39 9.43
C MET A 248 -3.08 7.24 8.93
N VAL A 249 -2.58 6.39 9.81
CA VAL A 249 -1.99 5.11 9.42
C VAL A 249 -3.08 4.06 9.62
N LEU A 250 -3.48 3.42 8.51
CA LEU A 250 -4.60 2.49 8.50
C LEU A 250 -4.13 1.18 7.93
N LEU A 251 -4.25 0.12 8.72
CA LEU A 251 -3.76 -1.21 8.36
C LEU A 251 -4.89 -2.21 8.50
N PRO A 252 -5.74 -2.33 7.49
CA PRO A 252 -6.72 -3.43 7.49
C PRO A 252 -6.06 -4.79 7.29
N ILE A 253 -6.73 -5.81 7.79
CA ILE A 253 -6.31 -7.20 7.63
C ILE A 253 -7.54 -8.04 7.32
N ASN A 254 -7.42 -8.95 6.35
CA ASN A 254 -8.48 -9.86 5.92
C ASN A 254 -8.09 -11.30 6.23
N GLU A 255 -9.10 -12.10 6.56
CA GLU A 255 -8.97 -13.56 6.57
C GLU A 255 -10.03 -14.17 5.64
N PRO A 256 -9.78 -15.35 5.09
CA PRO A 256 -10.79 -15.99 4.24
C PRO A 256 -11.97 -16.50 5.05
N VAL A 257 -13.12 -16.60 4.39
CA VAL A 257 -14.27 -17.35 4.90
C VAL A 257 -14.48 -18.56 3.99
N HIS A 258 -14.38 -19.75 4.56
CA HIS A 258 -14.40 -20.98 3.79
C HIS A 258 -15.83 -21.52 3.64
N GLY A 259 -15.99 -22.47 2.72
CA GLY A 259 -17.25 -23.12 2.49
C GLY A 259 -18.23 -22.35 1.62
N THR A 260 -17.89 -21.13 1.23
CA THR A 260 -18.79 -20.30 0.45
C THR A 260 -19.04 -20.89 -0.93
N LYS A 261 -20.14 -20.45 -1.54
CA LYS A 261 -20.47 -20.86 -2.91
C LYS A 261 -19.38 -20.42 -3.88
N ARG A 262 -19.01 -19.14 -3.83
CA ARG A 262 -17.88 -18.62 -4.59
C ARG A 262 -16.62 -18.71 -3.73
N LYS A 263 -15.53 -19.21 -4.33
CA LYS A 263 -14.29 -19.37 -3.58
C LYS A 263 -13.77 -18.01 -3.11
N SER A 264 -13.31 -17.96 -1.87
CA SER A 264 -12.82 -16.72 -1.30
C SER A 264 -11.60 -16.23 -2.06
N GLN A 265 -11.64 -14.95 -2.48
CA GLN A 265 -10.48 -14.33 -3.09
C GLN A 265 -9.32 -14.19 -2.09
N ILE A 266 -9.61 -14.17 -0.79
CA ILE A 266 -8.52 -14.19 0.18
C ILE A 266 -7.80 -15.53 0.14
N GLN A 267 -8.55 -16.63 0.02
CA GLN A 267 -7.92 -17.95 -0.04
C GLN A 267 -7.14 -18.14 -1.33
N THR A 268 -7.68 -17.67 -2.45
CA THR A 268 -6.93 -17.71 -3.70
C THR A 268 -5.61 -16.94 -3.54
N TYR A 269 -5.68 -15.75 -2.92
CA TYR A 269 -4.46 -14.99 -2.67
C TYR A 269 -3.44 -15.83 -1.90
N LEU A 270 -3.88 -16.43 -0.79
CA LEU A 270 -2.94 -17.15 0.06
C LEU A 270 -2.33 -18.33 -0.68
N GLU A 271 -3.08 -18.95 -1.58
CA GLU A 271 -2.56 -20.08 -2.32
C GLU A 271 -1.50 -19.62 -3.32
N HIS A 272 -1.81 -18.57 -4.09
CA HIS A 272 -0.89 -18.14 -5.13
C HIS A 272 0.29 -17.35 -4.57
N ASN A 273 0.13 -16.72 -3.40
CA ASN A 273 1.20 -15.97 -2.76
C ASN A 273 2.12 -16.83 -1.91
N GLU A 274 1.78 -18.11 -1.73
CA GLU A 274 2.44 -18.94 -0.72
C GLU A 274 2.33 -18.31 0.66
N GLY A 275 1.12 -17.92 1.03
CA GLY A 275 0.83 -17.50 2.39
C GLY A 275 0.48 -16.03 2.50
N ALA A 276 0.50 -15.58 3.75
CA ALA A 276 0.12 -14.22 4.08
C ALA A 276 1.01 -13.20 3.36
N GLY A 277 0.43 -12.04 3.12
CA GLY A 277 1.19 -10.95 2.51
C GLY A 277 0.29 -9.78 2.26
N LEU A 278 0.86 -8.75 1.61
CA LEU A 278 0.10 -7.55 1.36
C LEU A 278 -0.86 -7.76 0.19
N GLN A 279 -2.15 -7.50 0.43
CA GLN A 279 -3.18 -7.69 -0.60
C GLN A 279 -3.35 -6.46 -1.49
N HIS A 280 -3.56 -5.29 -0.89
CA HIS A 280 -3.73 -4.13 -1.76
C HIS A 280 -3.23 -2.86 -1.07
N LEU A 281 -2.83 -1.92 -1.92
CA LEU A 281 -2.47 -0.56 -1.54
C LEU A 281 -3.55 0.35 -2.06
N ALA A 282 -4.12 1.18 -1.19
CA ALA A 282 -5.13 2.14 -1.60
C ALA A 282 -4.50 3.51 -1.68
N LEU A 283 -4.57 4.12 -2.86
CA LEU A 283 -3.86 5.35 -3.17
C LEU A 283 -4.90 6.45 -3.28
N MET A 284 -4.79 7.48 -2.42
CA MET A 284 -5.70 8.61 -2.48
C MET A 284 -5.39 9.50 -3.67
N SER A 285 -6.43 9.87 -4.41
CA SER A 285 -6.33 10.83 -5.50
C SER A 285 -7.03 12.13 -5.09
N GLU A 286 -6.45 13.26 -5.51
CA GLU A 286 -7.13 14.53 -5.35
C GLU A 286 -8.19 14.77 -6.41
N ASP A 287 -8.26 13.90 -7.41
CA ASP A 287 -9.28 14.02 -8.45
C ASP A 287 -9.41 12.64 -9.08
N ILE A 288 -10.23 11.78 -8.50
CA ILE A 288 -10.27 10.38 -8.93
C ILE A 288 -10.75 10.28 -10.37
N PHE A 289 -11.55 11.25 -10.83
CA PHE A 289 -11.96 11.22 -12.21
C PHE A 289 -10.78 11.42 -13.15
N ARG A 290 -9.94 12.41 -12.88
CA ARG A 290 -8.75 12.59 -13.70
C ARG A 290 -7.83 11.38 -13.59
N THR A 291 -7.65 10.87 -12.38
CA THR A 291 -6.73 9.74 -12.23
C THR A 291 -7.17 8.55 -13.06
N LEU A 292 -8.47 8.26 -13.04
CA LEU A 292 -8.95 7.08 -13.76
C LEU A 292 -8.97 7.33 -15.27
N ARG A 293 -9.31 8.54 -15.71
CA ARG A 293 -9.17 8.84 -17.13
C ARG A 293 -7.74 8.58 -17.59
N GLU A 294 -6.76 9.07 -16.83
CA GLU A 294 -5.37 8.96 -17.24
C GLU A 294 -4.88 7.51 -17.16
N MET A 295 -5.27 6.80 -16.11
CA MET A 295 -4.82 5.40 -16.00
C MET A 295 -5.48 4.52 -17.05
N ARG A 296 -6.76 4.74 -17.33
CA ARG A 296 -7.46 3.88 -18.30
C ARG A 296 -6.96 4.12 -19.72
N LYS A 297 -6.53 5.35 -20.02
CA LYS A 297 -5.92 5.64 -21.32
C LYS A 297 -4.69 4.78 -21.56
N ARG A 298 -4.00 4.39 -20.49
CA ARG A 298 -2.73 3.69 -20.58
C ARG A 298 -2.82 2.20 -20.29
N SER A 299 -4.00 1.68 -19.95
CA SER A 299 -4.14 0.27 -19.57
C SER A 299 -3.52 -0.69 -20.58
N SER A 300 -3.76 -0.46 -21.87
CA SER A 300 -3.31 -1.40 -22.89
C SER A 300 -2.02 -0.96 -23.55
N ILE A 301 -1.38 0.11 -23.06
CA ILE A 301 -0.10 0.55 -23.59
C ILE A 301 0.92 0.65 -22.45
N GLY A 302 0.91 -0.36 -21.58
CA GLY A 302 1.94 -0.54 -20.57
C GLY A 302 1.48 -0.29 -19.16
N GLY A 303 0.29 0.25 -18.97
CA GLY A 303 -0.21 0.61 -17.65
C GLY A 303 -0.92 -0.51 -16.93
N PHE A 304 -1.94 -0.13 -16.16
CA PHE A 304 -2.69 -1.07 -15.33
C PHE A 304 -4.11 -1.23 -15.85
N ASP A 305 -4.61 -2.46 -15.74
CA ASP A 305 -5.98 -2.80 -16.08
C ASP A 305 -6.86 -2.66 -14.86
N PHE A 306 -8.15 -2.50 -15.08
CA PHE A 306 -9.09 -2.36 -13.98
C PHE A 306 -10.07 -3.52 -13.99
N MET A 307 -10.63 -3.79 -12.80
CA MET A 307 -11.62 -4.83 -12.67
C MET A 307 -12.80 -4.55 -13.58
N PRO A 308 -13.54 -5.59 -13.99
CA PRO A 308 -14.69 -5.36 -14.87
C PRO A 308 -15.71 -4.44 -14.21
N SER A 309 -16.31 -3.58 -15.01
CA SER A 309 -17.16 -2.54 -14.45
C SER A 309 -18.46 -3.14 -13.93
N PRO A 310 -19.08 -2.50 -12.95
CA PRO A 310 -20.37 -2.98 -12.47
C PRO A 310 -21.46 -2.72 -13.50
N PRO A 311 -22.57 -3.44 -13.43
CA PRO A 311 -23.66 -3.22 -14.41
C PRO A 311 -24.28 -1.85 -14.25
N PRO A 312 -24.96 -1.35 -15.29
CA PRO A 312 -25.59 -0.03 -15.17
C PRO A 312 -26.62 0.05 -14.05
N THR A 313 -27.18 -1.07 -13.62
CA THR A 313 -28.06 -1.08 -12.46
C THR A 313 -27.37 -0.47 -11.25
N TYR A 314 -26.07 -0.75 -11.08
CA TYR A 314 -25.32 -0.17 -9.98
C TYR A 314 -25.37 1.35 -10.02
N TYR A 315 -25.22 1.94 -11.20
CA TYR A 315 -25.20 3.39 -11.26
C TYR A 315 -26.62 3.96 -11.24
N GLN A 316 -27.60 3.20 -11.76
CA GLN A 316 -28.99 3.56 -11.56
C GLN A 316 -29.34 3.62 -10.08
N ASN A 317 -28.75 2.74 -9.26
CA ASN A 317 -29.01 2.71 -7.84
C ASN A 317 -28.21 3.74 -7.06
N LEU A 318 -27.31 4.48 -7.71
CA LEU A 318 -26.50 5.46 -6.98
C LEU A 318 -27.30 6.68 -6.60
N LYS A 319 -28.32 7.04 -7.39
CA LYS A 319 -29.12 8.22 -7.07
C LYS A 319 -29.73 8.10 -5.68
N LYS A 320 -30.33 6.95 -5.37
CA LYS A 320 -30.95 6.76 -4.07
C LYS A 320 -29.92 6.78 -2.95
N ARG A 321 -28.70 6.30 -3.22
CA ARG A 321 -27.72 6.12 -2.15
C ARG A 321 -26.87 7.37 -1.92
N VAL A 322 -26.49 8.10 -2.97
CA VAL A 322 -25.54 9.19 -2.81
C VAL A 322 -25.96 10.41 -3.64
N GLY A 323 -27.23 10.44 -4.06
CA GLY A 323 -27.73 11.56 -4.84
C GLY A 323 -27.65 12.91 -4.15
N ASP A 324 -27.44 12.92 -2.83
CA ASP A 324 -27.21 14.16 -2.09
C ASP A 324 -25.74 14.55 -2.03
N VAL A 325 -24.85 13.71 -2.56
CA VAL A 325 -23.42 13.98 -2.55
C VAL A 325 -22.89 14.19 -3.96
N LEU A 326 -23.39 13.43 -4.93
CA LEU A 326 -22.93 13.50 -6.31
C LEU A 326 -24.08 13.93 -7.21
N SER A 327 -23.79 14.85 -8.12
CA SER A 327 -24.76 15.25 -9.12
C SER A 327 -24.98 14.11 -10.12
N ASP A 328 -26.00 14.27 -10.97
CA ASP A 328 -26.23 13.29 -12.01
C ASP A 328 -25.05 13.19 -12.96
N ASP A 329 -24.43 14.33 -13.28
CA ASP A 329 -23.26 14.30 -14.17
C ASP A 329 -22.09 13.62 -13.50
N GLN A 330 -21.84 13.94 -12.23
CA GLN A 330 -20.77 13.30 -11.48
C GLN A 330 -21.04 11.81 -11.32
N ILE A 331 -22.31 11.42 -11.15
CA ILE A 331 -22.66 10.01 -11.10
C ILE A 331 -22.38 9.35 -12.45
N LYS A 332 -22.80 10.00 -13.54
CA LYS A 332 -22.56 9.42 -14.86
C LYS A 332 -21.07 9.36 -15.18
N GLU A 333 -20.29 10.29 -14.64
CA GLU A 333 -18.83 10.20 -14.79
C GLU A 333 -18.28 9.01 -14.02
N CYS A 334 -18.86 8.70 -12.85
CA CYS A 334 -18.50 7.45 -12.16
C CYS A 334 -18.81 6.25 -13.04
N GLU A 335 -19.93 6.30 -13.77
CA GLU A 335 -20.33 5.17 -14.59
C GLU A 335 -19.39 4.98 -15.77
N GLU A 336 -18.96 6.08 -16.39
CA GLU A 336 -18.04 5.97 -17.52
C GLU A 336 -16.74 5.30 -17.10
N LEU A 337 -16.27 5.61 -15.90
CA LEU A 337 -14.95 5.18 -15.43
C LEU A 337 -14.99 3.92 -14.57
N GLY A 338 -16.17 3.38 -14.28
CA GLY A 338 -16.28 2.18 -13.49
C GLY A 338 -16.05 2.36 -12.01
N ILE A 339 -16.22 3.58 -11.51
CA ILE A 339 -15.94 3.91 -10.12
C ILE A 339 -17.07 3.41 -9.24
N LEU A 340 -16.70 2.83 -8.09
CA LEU A 340 -17.64 2.41 -7.06
C LEU A 340 -17.78 3.51 -6.02
N VAL A 341 -18.95 3.56 -5.36
CA VAL A 341 -19.24 4.54 -4.33
C VAL A 341 -19.82 3.83 -3.11
N ASP A 342 -19.30 4.18 -1.92
CA ASP A 342 -19.89 3.71 -0.68
C ASP A 342 -20.01 4.88 0.30
N ARG A 343 -20.79 4.66 1.35
CA ARG A 343 -21.10 5.71 2.29
C ARG A 343 -21.09 5.19 3.72
N ASP A 344 -20.51 5.99 4.61
CA ASP A 344 -20.47 5.77 6.05
C ASP A 344 -21.64 6.52 6.71
N ASP A 345 -21.58 6.66 8.03
CA ASP A 345 -22.38 7.65 8.74
C ASP A 345 -21.72 9.02 8.76
N GLN A 346 -20.49 9.13 8.27
CA GLN A 346 -19.75 10.38 8.30
C GLN A 346 -19.33 10.87 6.92
N GLY A 347 -19.06 9.98 5.97
CA GLY A 347 -18.58 10.44 4.67
C GLY A 347 -18.87 9.45 3.56
N THR A 348 -18.36 9.78 2.38
CA THR A 348 -18.56 9.01 1.16
C THR A 348 -17.21 8.62 0.58
N LEU A 349 -17.15 7.41 0.02
CA LEU A 349 -15.93 6.85 -0.55
C LEU A 349 -16.16 6.60 -2.04
N LEU A 350 -15.25 7.09 -2.88
CA LEU A 350 -15.18 6.70 -4.28
C LEU A 350 -13.98 5.77 -4.41
N GLN A 351 -14.17 4.61 -5.07
CA GLN A 351 -13.07 3.64 -5.11
C GLN A 351 -13.13 2.82 -6.39
N ILE A 352 -11.99 2.27 -6.78
CA ILE A 352 -11.93 1.32 -7.88
C ILE A 352 -10.69 0.46 -7.69
N PHE A 353 -10.72 -0.74 -8.22
CA PHE A 353 -9.65 -1.71 -8.04
C PHE A 353 -9.01 -2.07 -9.37
N THR A 354 -7.67 -2.15 -9.37
CA THR A 354 -7.00 -2.66 -10.55
C THR A 354 -7.03 -4.18 -10.57
N LYS A 355 -6.77 -4.74 -11.74
CA LYS A 355 -6.40 -6.16 -11.83
C LYS A 355 -5.05 -6.35 -11.14
N PRO A 356 -4.66 -7.58 -10.85
CA PRO A 356 -3.37 -7.79 -10.17
C PRO A 356 -2.22 -7.11 -10.88
N LEU A 357 -1.26 -6.63 -10.08
CA LEU A 357 -0.17 -5.81 -10.59
C LEU A 357 0.86 -6.62 -11.36
N GLY A 358 0.92 -7.93 -11.12
CA GLY A 358 1.91 -8.77 -11.76
C GLY A 358 1.34 -10.09 -12.22
N ASP A 359 2.19 -11.12 -12.37
CA ASP A 359 1.74 -12.40 -12.93
C ASP A 359 0.72 -13.09 -12.03
N ARG A 360 0.88 -12.99 -10.72
CA ARG A 360 0.07 -13.81 -9.83
C ARG A 360 -1.17 -13.07 -9.40
N PRO A 361 -2.27 -13.79 -9.14
CA PRO A 361 -3.51 -13.14 -8.68
C PRO A 361 -3.41 -12.83 -7.18
N THR A 362 -2.54 -11.87 -6.87
CA THR A 362 -2.21 -11.55 -5.49
C THR A 362 -2.41 -10.07 -5.22
N ILE A 363 -1.35 -9.26 -5.32
CA ILE A 363 -1.45 -7.85 -4.99
C ILE A 363 -2.14 -7.06 -6.10
N PHE A 364 -2.97 -6.10 -5.71
CA PHE A 364 -3.59 -5.15 -6.64
C PHE A 364 -3.61 -3.78 -5.98
N ILE A 365 -4.09 -2.77 -6.72
CA ILE A 365 -4.12 -1.41 -6.23
C ILE A 365 -5.58 -0.95 -6.21
N GLU A 366 -5.88 -0.12 -5.23
CA GLU A 366 -7.15 0.60 -5.14
C GLU A 366 -6.86 2.08 -5.30
N ILE A 367 -7.67 2.76 -6.13
CA ILE A 367 -7.66 4.22 -6.19
C ILE A 367 -8.89 4.71 -5.45
N ILE A 368 -8.72 5.69 -4.56
CA ILE A 368 -9.83 6.17 -3.75
C ILE A 368 -9.80 7.69 -3.66
N GLN A 369 -10.99 8.24 -3.41
CA GLN A 369 -11.11 9.63 -2.98
C GLN A 369 -12.24 9.67 -1.98
N ARG A 370 -12.06 10.47 -0.92
CA ARG A 370 -13.00 10.52 0.19
C ARG A 370 -13.66 11.89 0.26
N VAL A 371 -14.95 11.90 0.56
CA VAL A 371 -15.76 13.12 0.58
C VAL A 371 -16.38 13.25 1.95
N GLY A 372 -16.05 14.32 2.65
CA GLY A 372 -16.66 14.61 3.95
C GLY A 372 -15.69 14.70 5.10
N CYS A 373 -16.22 14.57 6.32
CA CYS A 373 -15.42 14.51 7.54
C CYS A 373 -14.39 15.64 7.62
N MET A 374 -14.86 16.86 7.36
CA MET A 374 -13.97 18.02 7.41
C MET A 374 -13.93 18.59 8.83
N MET A 375 -12.73 18.91 9.29
CA MET A 375 -12.53 19.49 10.61
C MET A 375 -11.79 20.82 10.48
N TYR A 383 -8.84 20.13 7.55
CA TYR A 383 -8.32 18.80 7.29
C TYR A 383 -9.44 17.78 7.26
N GLN A 384 -9.21 16.67 6.55
CA GLN A 384 -10.16 15.56 6.50
C GLN A 384 -9.72 14.46 7.45
N SER A 385 -10.66 13.94 8.24
CA SER A 385 -10.33 12.90 9.19
C SER A 385 -10.08 11.58 8.46
N GLY A 386 -9.28 10.72 9.10
CA GLY A 386 -8.85 9.50 8.43
C GLY A 386 -9.98 8.50 8.27
N GLY A 387 -9.93 7.76 7.16
CA GLY A 387 -10.92 6.72 6.93
C GLY A 387 -12.30 7.23 6.67
N CYS A 388 -12.45 8.51 6.32
CA CYS A 388 -13.76 9.10 6.01
C CYS A 388 -14.50 8.30 4.96
N GLY A 389 -15.65 7.73 5.33
CA GLY A 389 -16.44 6.95 4.42
C GLY A 389 -16.20 5.47 4.49
N GLY A 390 -15.19 5.03 5.24
CA GLY A 390 -14.93 3.61 5.43
C GLY A 390 -14.02 3.02 4.38
N PHE A 391 -14.24 1.74 4.05
CA PHE A 391 -13.36 1.02 3.14
C PHE A 391 -14.13 0.34 2.02
N GLY A 392 -15.43 0.61 1.90
CA GLY A 392 -16.22 0.11 0.80
C GLY A 392 -16.85 -1.23 1.02
N LYS A 393 -16.95 -1.69 2.27
CA LYS A 393 -17.52 -3.00 2.53
C LYS A 393 -18.99 -3.06 2.13
N GLY A 394 -19.68 -1.92 2.12
CA GLY A 394 -21.04 -1.89 1.62
C GLY A 394 -21.14 -2.20 0.14
N ASN A 395 -20.04 -2.08 -0.60
CA ASN A 395 -20.09 -2.38 -2.02
C ASN A 395 -20.13 -3.88 -2.31
N PHE A 396 -19.89 -4.73 -1.31
CA PHE A 396 -20.09 -6.16 -1.52
C PHE A 396 -21.57 -6.48 -1.78
N SER A 397 -22.45 -5.95 -0.94
CA SER A 397 -23.88 -6.21 -1.16
C SER A 397 -24.42 -5.39 -2.34
N GLU A 398 -23.96 -4.15 -2.50
CA GLU A 398 -24.49 -3.33 -3.59
C GLU A 398 -24.09 -3.90 -4.95
N LEU A 399 -22.87 -4.43 -5.06
CA LEU A 399 -22.46 -5.08 -6.30
C LEU A 399 -23.27 -6.33 -6.56
N PHE A 400 -23.42 -7.18 -5.53
CA PHE A 400 -24.25 -8.37 -5.64
C PHE A 400 -25.65 -8.01 -6.12
N LYS A 401 -26.28 -7.04 -5.46
CA LYS A 401 -27.63 -6.65 -5.84
C LYS A 401 -27.69 -6.17 -7.29
N SER A 402 -26.79 -5.26 -7.66
CA SER A 402 -26.84 -4.67 -9.00
C SER A 402 -26.61 -5.72 -10.08
N ILE A 403 -25.87 -6.79 -9.77
CA ILE A 403 -25.62 -7.86 -10.73
C ILE A 403 -26.91 -8.65 -10.98
N GLU A 404 -27.60 -9.02 -9.91
CA GLU A 404 -28.87 -9.73 -10.06
C GLU A 404 -29.92 -8.85 -10.72
N GLU A 405 -29.96 -7.57 -10.35
CA GLU A 405 -30.92 -6.64 -10.94
C GLU A 405 -30.69 -6.49 -12.44
N TYR A 406 -29.42 -6.48 -12.87
CA TYR A 406 -29.13 -6.38 -14.30
C TYR A 406 -29.45 -7.67 -15.03
N GLU A 407 -29.32 -8.81 -14.35
CA GLU A 407 -29.73 -10.08 -14.96
C GLU A 407 -31.22 -10.05 -15.29
N LYS A 408 -32.03 -9.47 -14.41
CA LYS A 408 -33.47 -9.36 -14.64
C LYS A 408 -33.77 -8.42 -15.80
CO CO B . -9.30 -0.83 0.47
C10 9US C . -12.71 -6.02 -3.46
C15 9US C . -13.39 -7.40 -5.32
C17 9US C . -16.60 -4.62 -3.01
C20 9US C . -10.55 -3.11 4.14
C21 9US C . -11.78 -3.92 4.53
C22 9US C . -11.93 -5.18 3.67
C26 9US C . -13.64 -8.74 -5.31
C28 9US C . -12.77 -8.90 -7.57
C01 9US C . -12.39 -3.65 -0.61
C02 9US C . -13.70 -3.22 -0.52
C03 9US C . -14.64 -3.72 -1.38
C04 9US C . -14.28 -4.65 -2.35
C05 9US C . -12.99 -5.10 -2.46
C06 9US C . -12.02 -4.58 -1.57
C08 9US C . -14.95 -6.00 -4.10
C11 9US C . -10.52 -4.96 -1.58
C12 9US C . -11.36 -3.05 0.33
C18 9US C . -11.22 -3.50 1.77
C19 9US C . -10.47 -2.84 2.64
C23 9US C . -11.84 -4.83 2.18
C27 9US C . -13.33 -9.50 -6.44
C29 9US C . -12.54 -7.55 -7.59
C30 9US C . -12.85 -6.81 -6.46
C31 9US C . -14.20 -9.35 -4.20
C32 9US C . -14.44 -10.70 -4.22
C33 9US C . -14.13 -11.45 -5.34
C34 9US C . -13.57 -10.85 -6.46
N07 9US C . -15.23 -5.10 -3.15
N09 9US C . -13.68 -6.47 -4.24
O13 9US C . -11.63 -6.49 -3.66
O14 9US C . -10.66 -2.17 -0.09
O16 9US C . -15.81 -6.39 -4.81
O24 9US C . -9.66 -1.76 2.24
O25 9US C . -12.23 -5.60 1.38
#